data_5TV1
#
_entry.id   5TV1
#
_cell.length_a   97.575
_cell.length_b   97.575
_cell.length_c   76.938
_cell.angle_alpha   90.00
_cell.angle_beta   90.00
_cell.angle_gamma   120.00
#
_symmetry.space_group_name_H-M   'P 63'
#
loop_
_entity.id
_entity.type
_entity.pdbx_description
1 polymer Beta-arrestin-2
2 non-polymer 'INOSITOL HEXAKISPHOSPHATE'
3 non-polymer GLYCEROL
4 water water
#
_entity_poly.entity_id   1
_entity_poly.type   'polypeptide(L)'
_entity_poly.pdbx_seq_one_letter_code
;MGEKPGTRVFKKSSPNCKLTVYLGKRDFVDHLDKVDPVDGVVLVDPDYLKDRKVFVTLTCAFRYGREDLDVLGLSFRKDL
FIANYQAFPPTPNPPRPPTRLQERLLRKLGQHAHPFFFTIPQNLPCSVTLQPGPEDTGKACGVDFEIRAFCAKSLEEKSH
KRNSVRLVIRKVQFAPEKPGPQPSAETTRHFLMSDRSLHLEASLDKELYYHGEPLNVNVHVTNNSTKTVKKIKVSVRQYA
DICLFSTAQYKCPVAQVEQDDQVSPSSTFCKVYTITPLLSNNREKRGLALDGKLKHEDTNLASSTIVKEGANKEVLGILV
SYRVKVKLVVSRGGDVSVELPFVLMHPKPHDHIALPRPQSAVPETDAPVDTNLIEFETNYATDDDIVFEDFAR
;
_entity_poly.pdbx_strand_id   A
#
# COMPACT_ATOMS: atom_id res chain seq x y z
N ARG A 8 -2.67 10.82 20.15
CA ARG A 8 -3.41 11.98 20.65
C ARG A 8 -4.55 12.34 19.69
N VAL A 9 -4.54 13.57 19.18
CA VAL A 9 -5.47 14.03 18.15
C VAL A 9 -4.64 14.69 17.05
N PHE A 10 -5.02 14.47 15.80
CA PHE A 10 -4.24 14.98 14.68
C PHE A 10 -4.87 16.27 14.15
N LYS A 11 -4.05 17.32 14.03
CA LYS A 11 -4.54 18.61 13.57
C LYS A 11 -3.48 19.34 12.76
N LYS A 12 -3.95 20.18 11.83
CA LYS A 12 -3.12 21.01 10.97
C LYS A 12 -3.91 22.27 10.66
N SER A 13 -3.20 23.38 10.45
CA SER A 13 -3.80 24.68 10.18
C SER A 13 -3.40 25.15 8.81
N SER A 14 -4.19 26.09 8.27
CA SER A 14 -3.78 26.86 7.10
C SER A 14 -2.51 27.67 7.41
N PRO A 15 -1.84 28.18 6.36
CA PRO A 15 -0.62 28.98 6.60
C PRO A 15 -0.88 30.25 7.39
N ASN A 16 -2.04 30.87 7.23
CA ASN A 16 -2.38 32.07 7.95
C ASN A 16 -3.00 31.80 9.31
N CYS A 17 -3.23 30.53 9.65
CA CYS A 17 -3.78 30.09 10.94
C CYS A 17 -5.24 30.45 11.16
N LYS A 18 -5.95 30.93 10.13
CA LYS A 18 -7.38 31.21 10.27
C LYS A 18 -8.25 29.96 10.24
N LEU A 19 -7.65 28.76 10.12
CA LEU A 19 -8.39 27.56 9.76
C LEU A 19 -7.59 26.36 10.25
N THR A 20 -8.21 25.51 11.06
CA THR A 20 -7.56 24.32 11.57
C THR A 20 -8.52 23.15 11.38
N VAL A 21 -7.99 22.00 10.96
CA VAL A 21 -8.74 20.77 10.83
C VAL A 21 -8.22 19.80 11.88
N TYR A 22 -9.12 19.18 12.61
CA TYR A 22 -8.77 18.16 13.59
C TYR A 22 -9.31 16.83 13.10
N LEU A 23 -8.53 15.76 13.26
CA LEU A 23 -9.04 14.41 13.06
C LEU A 23 -8.64 13.54 14.23
N GLY A 24 -9.39 12.48 14.45
CA GLY A 24 -9.06 11.58 15.55
C GLY A 24 -7.91 10.66 15.27
N LYS A 25 -7.56 10.44 14.00
CA LYS A 25 -6.46 9.55 13.62
C LYS A 25 -6.17 9.78 12.15
N ARG A 26 -5.07 9.20 11.68
CA ARG A 26 -4.70 9.30 10.27
C ARG A 26 -4.95 8.02 9.47
N ASP A 27 -5.02 6.86 10.12
CA ASP A 27 -5.23 5.59 9.45
C ASP A 27 -6.65 5.11 9.66
N PHE A 28 -7.36 4.85 8.56
CA PHE A 28 -8.75 4.45 8.57
C PHE A 28 -8.82 3.04 8.01
N VAL A 29 -9.28 2.11 8.84
CA VAL A 29 -9.08 0.69 8.56
C VAL A 29 -10.18 0.17 7.62
N ASP A 30 -9.77 -0.48 6.54
CA ASP A 30 -10.72 -1.17 5.69
C ASP A 30 -10.98 -2.55 6.28
N HIS A 31 -12.23 -2.78 6.71
CA HIS A 31 -12.67 -4.05 7.24
C HIS A 31 -13.28 -4.95 6.17
N LEU A 32 -13.10 -4.61 4.89
CA LEU A 32 -13.63 -5.32 3.73
C LEU A 32 -15.14 -5.15 3.58
N ASP A 33 -15.93 -5.42 4.62
CA ASP A 33 -17.34 -5.07 4.55
C ASP A 33 -17.55 -3.56 4.64
N LYS A 34 -16.66 -2.84 5.33
CA LYS A 34 -16.81 -1.41 5.52
C LYS A 34 -15.48 -0.79 5.92
N VAL A 35 -15.44 0.55 5.90
CA VAL A 35 -14.28 1.35 6.27
C VAL A 35 -14.63 2.23 7.47
N ASP A 36 -13.66 2.41 8.37
CA ASP A 36 -13.77 3.42 9.40
C ASP A 36 -14.19 4.76 8.77
N PRO A 37 -15.17 5.44 9.32
CA PRO A 37 -15.53 6.76 8.78
C PRO A 37 -14.60 7.84 9.32
N VAL A 38 -14.47 8.92 8.54
CA VAL A 38 -13.66 10.08 8.89
C VAL A 38 -14.56 11.09 9.60
N ASP A 39 -14.42 11.18 10.92
CA ASP A 39 -15.14 12.14 11.76
C ASP A 39 -14.18 13.23 12.20
N GLY A 40 -14.44 14.47 11.81
CA GLY A 40 -13.55 15.54 12.24
C GLY A 40 -14.22 16.85 12.61
N VAL A 41 -13.39 17.86 12.85
CA VAL A 41 -13.86 19.20 13.16
C VAL A 41 -12.97 20.20 12.43
N VAL A 42 -13.58 21.20 11.81
CA VAL A 42 -12.89 22.37 11.28
C VAL A 42 -13.18 23.56 12.19
N LEU A 43 -12.12 24.25 12.60
CA LEU A 43 -12.22 25.47 13.39
C LEU A 43 -11.89 26.66 12.50
N VAL A 44 -12.80 27.64 12.43
CA VAL A 44 -12.55 28.81 11.61
C VAL A 44 -12.64 30.08 12.45
N ASP A 45 -11.80 31.05 12.08
CA ASP A 45 -11.92 32.39 12.61
C ASP A 45 -13.19 33.04 12.07
N PRO A 46 -14.03 33.61 12.93
CA PRO A 46 -15.36 34.08 12.48
C PRO A 46 -15.31 35.25 11.50
N ASP A 47 -14.72 36.36 11.95
CA ASP A 47 -14.64 37.57 11.16
C ASP A 47 -13.75 37.42 9.93
N TYR A 48 -12.95 36.35 9.86
CA TYR A 48 -12.05 36.18 8.72
C TYR A 48 -12.78 35.73 7.46
N LEU A 49 -13.63 34.70 7.57
CA LEU A 49 -14.31 34.22 6.36
C LEU A 49 -15.37 35.21 5.90
N LYS A 50 -16.03 35.89 6.84
CA LYS A 50 -17.11 36.85 6.56
C LYS A 50 -18.23 36.23 5.73
N ASP A 51 -18.34 36.64 4.47
CA ASP A 51 -19.36 36.09 3.58
C ASP A 51 -18.97 34.75 2.97
N ARG A 52 -17.73 34.31 3.17
CA ARG A 52 -17.25 33.05 2.62
C ARG A 52 -17.78 31.85 3.40
N LYS A 53 -17.88 30.71 2.72
CA LYS A 53 -18.28 29.44 3.32
C LYS A 53 -17.04 28.59 3.63
N VAL A 54 -17.21 27.65 4.55
CA VAL A 54 -16.17 26.66 4.84
C VAL A 54 -16.59 25.32 4.25
N PHE A 55 -15.74 24.80 3.37
CA PHE A 55 -15.90 23.48 2.79
C PHE A 55 -14.81 22.54 3.28
N VAL A 56 -15.16 21.27 3.39
CA VAL A 56 -14.21 20.20 3.61
C VAL A 56 -14.40 19.19 2.50
N THR A 57 -13.28 18.63 2.01
CA THR A 57 -13.26 17.75 0.86
C THR A 57 -12.51 16.49 1.26
N LEU A 58 -13.04 15.33 0.88
CA LEU A 58 -12.31 14.07 0.98
C LEU A 58 -12.07 13.58 -0.44
N THR A 59 -10.80 13.43 -0.81
CA THR A 59 -10.41 13.03 -2.15
C THR A 59 -9.53 11.79 -2.07
N CYS A 60 -9.89 10.77 -2.83
CA CYS A 60 -8.99 9.66 -3.08
C CYS A 60 -8.43 9.84 -4.48
N ALA A 61 -7.12 10.05 -4.59
CA ALA A 61 -6.50 10.36 -5.86
C ALA A 61 -5.48 9.29 -6.25
N PHE A 62 -5.36 9.11 -7.55
CA PHE A 62 -4.54 8.08 -8.17
C PHE A 62 -3.69 8.81 -9.20
N ARG A 63 -2.39 8.87 -9.00
CA ARG A 63 -1.52 9.55 -9.96
C ARG A 63 -0.41 8.61 -10.39
N TYR A 64 -0.14 8.60 -11.68
CA TYR A 64 0.99 7.84 -12.18
C TYR A 64 1.72 8.68 -13.19
N GLY A 65 3.02 8.86 -12.98
CA GLY A 65 3.86 9.58 -13.92
C GLY A 65 4.83 10.52 -13.25
N ARG A 66 6.02 10.66 -13.86
CA ARG A 66 7.06 11.55 -13.36
C ARG A 66 6.58 13.02 -13.37
N GLU A 67 7.42 13.89 -12.81
CA GLU A 67 7.02 15.27 -12.55
C GLU A 67 6.92 16.08 -13.85
N ASP A 68 7.88 15.88 -14.76
CA ASP A 68 7.88 16.63 -16.01
C ASP A 68 6.68 16.26 -16.88
N LEU A 69 6.14 15.06 -16.73
CA LEU A 69 4.93 14.69 -17.45
C LEU A 69 3.71 15.41 -16.91
N ASP A 70 3.73 15.82 -15.64
CA ASP A 70 2.68 16.68 -15.08
C ASP A 70 2.49 17.93 -15.93
N VAL A 71 3.57 18.70 -16.13
CA VAL A 71 3.48 19.97 -16.84
C VAL A 71 2.91 19.78 -18.23
N LEU A 72 3.31 18.70 -18.90
CA LEU A 72 2.86 18.45 -20.26
C LEU A 72 1.46 17.86 -20.33
N GLY A 73 0.84 17.55 -19.20
CA GLY A 73 -0.48 16.92 -19.22
C GLY A 73 -0.45 15.47 -19.66
N LEU A 74 0.68 14.79 -19.46
CA LEU A 74 0.86 13.41 -19.91
C LEU A 74 0.69 12.40 -18.80
N SER A 75 0.82 12.81 -17.53
CA SER A 75 0.72 11.84 -16.47
C SER A 75 -0.74 11.45 -16.29
N PHE A 76 -0.95 10.29 -15.69
CA PHE A 76 -2.29 9.82 -15.40
C PHE A 76 -2.68 10.34 -14.02
N ARG A 77 -3.68 11.20 -13.98
CA ARG A 77 -4.19 11.77 -12.75
C ARG A 77 -5.70 11.60 -12.77
N LYS A 78 -6.22 10.82 -11.83
CA LYS A 78 -7.65 10.57 -11.74
C LYS A 78 -8.03 10.61 -10.27
N ASP A 79 -9.04 11.40 -9.94
CA ASP A 79 -9.66 11.33 -8.61
C ASP A 79 -10.62 10.15 -8.62
N LEU A 80 -10.34 9.15 -7.80
CA LEU A 80 -11.21 8.00 -7.77
C LEU A 80 -12.44 8.24 -6.91
N PHE A 81 -12.36 9.20 -5.98
CA PHE A 81 -13.46 9.53 -5.09
C PHE A 81 -13.27 10.95 -4.59
N ILE A 82 -14.37 11.72 -4.65
CA ILE A 82 -14.46 13.08 -4.15
C ILE A 82 -15.75 13.23 -3.35
N ALA A 83 -15.65 13.73 -2.12
CA ALA A 83 -16.82 14.18 -1.38
C ALA A 83 -16.54 15.60 -0.89
N ASN A 84 -17.49 16.50 -1.15
CA ASN A 84 -17.42 17.90 -0.77
C ASN A 84 -18.49 18.18 0.28
N TYR A 85 -18.12 18.85 1.38
CA TYR A 85 -18.99 19.04 2.53
C TYR A 85 -19.00 20.52 2.90
N GLN A 86 -20.18 21.13 2.92
CA GLN A 86 -20.31 22.49 3.42
C GLN A 86 -20.53 22.41 4.92
N ALA A 87 -19.47 22.67 5.70
CA ALA A 87 -19.57 22.55 7.16
C ALA A 87 -20.11 23.82 7.81
N PHE A 88 -19.97 24.97 7.16
CA PHE A 88 -20.42 26.25 7.70
C PHE A 88 -20.83 27.20 6.59
N PRO A 89 -22.04 27.82 6.70
CA PRO A 89 -23.04 27.78 7.80
C PRO A 89 -23.61 26.39 8.10
N PRO A 90 -23.72 26.06 9.42
CA PRO A 90 -24.01 24.67 9.83
C PRO A 90 -25.21 24.10 9.12
N THR A 91 -25.28 22.77 9.09
CA THR A 91 -26.22 22.03 8.25
C THR A 91 -26.89 20.98 9.12
N PRO A 92 -27.90 20.27 8.57
CA PRO A 92 -28.57 19.24 9.37
C PRO A 92 -27.60 18.20 9.91
N ASN A 93 -27.96 17.65 11.09
CA ASN A 93 -27.05 16.92 11.98
C ASN A 93 -26.65 15.53 11.47
N PRO A 94 -27.57 14.72 10.95
CA PRO A 94 -27.08 13.42 10.47
C PRO A 94 -26.17 13.58 9.25
N PRO A 95 -25.22 12.65 9.05
CA PRO A 95 -25.02 11.44 9.86
C PRO A 95 -23.81 11.50 10.81
N ARG A 96 -23.92 10.86 11.97
CA ARG A 96 -25.18 10.23 12.37
C ARG A 96 -25.55 10.85 13.74
N PRO A 97 -24.68 10.71 14.75
CA PRO A 97 -24.65 11.70 15.82
C PRO A 97 -23.39 12.52 15.67
N PRO A 98 -22.93 13.21 16.69
CA PRO A 98 -21.51 13.55 16.74
C PRO A 98 -20.77 12.54 17.59
N THR A 99 -19.61 12.11 17.11
CA THR A 99 -18.84 11.16 17.88
C THR A 99 -18.31 11.82 19.15
N ARG A 100 -17.96 10.99 20.14
CA ARG A 100 -17.47 11.54 21.40
C ARG A 100 -16.20 12.35 21.19
N LEU A 101 -15.49 12.12 20.08
CA LEU A 101 -14.32 12.93 19.79
C LEU A 101 -14.73 14.32 19.30
N GLN A 102 -15.72 14.38 18.41
CA GLN A 102 -16.24 15.67 17.98
C GLN A 102 -16.83 16.43 19.15
N GLU A 103 -17.60 15.75 19.99
CA GLU A 103 -18.19 16.44 21.14
C GLU A 103 -17.10 17.01 22.02
N ARG A 104 -16.10 16.19 22.36
CA ARG A 104 -14.94 16.65 23.10
C ARG A 104 -14.31 17.88 22.46
N LEU A 105 -14.24 17.90 21.11
CA LEU A 105 -13.56 19.00 20.43
C LEU A 105 -14.45 20.23 20.30
N LEU A 106 -15.74 20.03 20.04
CA LEU A 106 -16.66 21.16 19.92
C LEU A 106 -16.78 21.93 21.22
N ARG A 107 -16.52 21.27 22.35
CA ARG A 107 -16.57 21.94 23.64
C ARG A 107 -15.35 22.83 23.86
N LYS A 108 -14.14 22.28 23.70
CA LYS A 108 -12.93 23.07 23.91
C LYS A 108 -12.78 24.19 22.88
N LEU A 109 -13.33 24.01 21.68
CA LEU A 109 -13.15 25.03 20.66
C LEU A 109 -14.33 25.99 20.55
N GLY A 110 -15.54 25.53 20.85
CA GLY A 110 -16.68 26.43 20.85
C GLY A 110 -17.32 26.63 19.49
N GLN A 111 -18.24 27.60 19.49
CA GLN A 111 -19.17 27.83 18.38
C GLN A 111 -18.49 28.01 17.04
N HIS A 112 -17.20 28.33 17.02
CA HIS A 112 -16.55 28.46 15.73
C HIS A 112 -15.92 27.14 15.28
N ALA A 113 -16.13 26.07 16.02
CA ALA A 113 -15.78 24.75 15.56
C ALA A 113 -17.01 24.09 14.93
N HIS A 114 -16.79 23.37 13.83
CA HIS A 114 -17.84 22.76 13.03
C HIS A 114 -17.51 21.31 12.67
N PRO A 115 -18.36 20.35 13.01
CA PRO A 115 -18.08 18.95 12.65
C PRO A 115 -18.22 18.68 11.16
N PHE A 116 -17.49 17.67 10.70
CA PHE A 116 -17.69 17.10 9.38
C PHE A 116 -17.57 15.59 9.48
N PHE A 117 -18.16 14.90 8.50
CA PHE A 117 -18.26 13.45 8.55
C PHE A 117 -18.23 12.91 7.14
N PHE A 118 -17.37 11.92 6.91
CA PHE A 118 -17.26 11.29 5.62
C PHE A 118 -17.22 9.79 5.84
N THR A 119 -17.85 9.08 4.94
CA THR A 119 -17.66 7.65 4.81
C THR A 119 -16.71 7.44 3.65
N ILE A 120 -15.72 6.60 3.86
CA ILE A 120 -14.82 6.15 2.79
C ILE A 120 -15.47 4.96 2.10
N PRO A 121 -15.84 5.07 0.84
CA PRO A 121 -16.37 3.90 0.11
C PRO A 121 -15.39 2.73 0.13
N GLN A 122 -15.93 1.52 0.25
CA GLN A 122 -15.07 0.33 0.33
C GLN A 122 -14.42 -0.01 -1.01
N ASN A 123 -15.09 0.23 -2.12
CA ASN A 123 -14.57 -0.19 -3.43
C ASN A 123 -13.51 0.81 -3.89
N LEU A 124 -12.39 0.83 -3.16
CA LEU A 124 -11.34 1.85 -3.35
C LEU A 124 -10.00 1.24 -2.98
N PRO A 125 -8.93 1.53 -3.70
CA PRO A 125 -7.62 0.99 -3.32
C PRO A 125 -7.19 1.50 -1.94
N CYS A 126 -6.17 0.87 -1.39
CA CYS A 126 -5.62 1.38 -0.16
C CYS A 126 -4.47 2.33 -0.50
N SER A 127 -3.97 2.99 0.52
CA SER A 127 -2.91 3.97 0.30
C SER A 127 -1.65 3.24 -0.09
N VAL A 128 -1.11 3.57 -1.26
CA VAL A 128 0.13 2.98 -1.74
C VAL A 128 0.96 4.11 -2.33
N THR A 129 2.23 4.16 -1.95
CA THR A 129 3.19 5.09 -2.51
C THR A 129 4.17 4.32 -3.40
N LEU A 130 4.37 4.81 -4.62
CA LEU A 130 5.40 4.28 -5.50
C LEU A 130 6.71 4.98 -5.16
N GLN A 131 7.73 4.21 -4.84
CA GLN A 131 8.93 4.81 -4.27
C GLN A 131 9.65 5.71 -5.28
N PRO A 132 9.84 6.98 -4.96
CA PRO A 132 10.54 7.89 -5.89
C PRO A 132 12.03 7.65 -5.83
N GLY A 133 12.69 7.94 -6.96
CA GLY A 133 14.13 7.97 -7.02
C GLY A 133 14.67 9.21 -6.34
N PRO A 134 15.98 9.27 -6.12
CA PRO A 134 16.56 10.45 -5.45
C PRO A 134 16.37 11.74 -6.23
N GLU A 135 16.22 11.64 -7.57
CA GLU A 135 16.05 12.79 -8.46
C GLU A 135 14.64 13.36 -8.40
N ASP A 136 13.62 12.51 -8.30
CA ASP A 136 12.23 12.96 -8.25
C ASP A 136 12.02 13.98 -7.14
N THR A 137 11.26 15.02 -7.43
CA THR A 137 11.00 16.07 -6.46
C THR A 137 9.51 16.39 -6.26
N GLY A 138 8.62 15.95 -7.15
CA GLY A 138 7.20 16.16 -6.97
C GLY A 138 6.62 15.26 -5.90
N LYS A 139 5.30 15.22 -5.83
CA LYS A 139 4.66 14.25 -4.95
C LYS A 139 4.73 12.88 -5.59
N ALA A 140 4.65 11.85 -4.77
CA ALA A 140 4.92 10.51 -5.26
C ALA A 140 3.72 9.95 -5.99
N CYS A 141 3.99 9.12 -6.99
CA CYS A 141 2.93 8.36 -7.65
C CYS A 141 2.29 7.37 -6.67
N GLY A 142 1.07 7.03 -6.94
CA GLY A 142 0.37 6.03 -6.18
C GLY A 142 -1.04 6.49 -5.87
N VAL A 143 -1.59 5.94 -4.79
CA VAL A 143 -2.95 6.23 -4.36
C VAL A 143 -2.85 6.87 -2.98
N ASP A 144 -3.43 8.06 -2.84
CA ASP A 144 -3.42 8.79 -1.59
C ASP A 144 -4.82 9.34 -1.28
N PHE A 145 -5.04 9.63 -0.01
CA PHE A 145 -6.29 10.21 0.45
C PHE A 145 -5.95 11.51 1.15
N GLU A 146 -6.80 12.50 0.97
CA GLU A 146 -6.53 13.82 1.46
C GLU A 146 -7.83 14.46 1.91
N ILE A 147 -7.84 14.89 3.16
CA ILE A 147 -8.84 15.81 3.67
C ILE A 147 -8.35 17.24 3.43
N ARG A 148 -9.20 18.05 2.80
CA ARG A 148 -8.86 19.41 2.48
C ARG A 148 -9.98 20.33 2.95
N ALA A 149 -9.63 21.37 3.72
CA ALA A 149 -10.59 22.38 4.16
C ALA A 149 -10.16 23.74 3.64
N PHE A 150 -11.13 24.59 3.30
CA PHE A 150 -10.81 25.89 2.74
C PHE A 150 -12.03 26.78 2.79
N CYS A 151 -11.80 28.06 2.46
CA CYS A 151 -12.79 29.12 2.57
C CYS A 151 -13.06 29.70 1.20
N ALA A 152 -14.33 29.83 0.84
CA ALA A 152 -14.68 30.35 -0.47
C ALA A 152 -16.16 30.69 -0.48
N LYS A 153 -16.59 31.31 -1.59
CA LYS A 153 -18.02 31.56 -1.79
C LYS A 153 -18.72 30.32 -2.35
N SER A 154 -18.05 29.58 -3.22
CA SER A 154 -18.62 28.36 -3.78
C SER A 154 -17.51 27.36 -4.07
N LEU A 155 -17.93 26.13 -4.38
CA LEU A 155 -16.96 25.08 -4.67
C LEU A 155 -16.13 25.37 -5.91
N GLU A 156 -16.66 26.13 -6.87
CA GLU A 156 -15.97 26.31 -8.14
C GLU A 156 -14.79 27.27 -8.00
N GLU A 157 -14.92 28.27 -7.12
CA GLU A 157 -13.87 29.26 -6.89
C GLU A 157 -12.52 28.57 -6.76
N LYS A 158 -11.49 29.22 -7.30
CA LYS A 158 -10.18 28.58 -7.37
C LYS A 158 -9.56 28.47 -5.99
N SER A 159 -8.48 27.72 -5.91
CA SER A 159 -7.83 27.40 -4.65
C SER A 159 -6.97 28.57 -4.18
N HIS A 160 -6.87 28.71 -2.85
CA HIS A 160 -6.03 29.72 -2.21
C HIS A 160 -5.13 29.01 -1.20
N LYS A 161 -3.81 29.17 -1.32
CA LYS A 161 -2.90 28.41 -0.46
C LYS A 161 -2.99 28.88 0.98
N ARG A 162 -3.15 30.18 1.21
CA ARG A 162 -3.14 30.73 2.56
C ARG A 162 -4.35 30.30 3.36
N ASN A 163 -5.48 30.07 2.68
CA ASN A 163 -6.73 29.68 3.33
C ASN A 163 -6.87 28.18 3.49
N SER A 164 -6.23 27.39 2.65
CA SER A 164 -6.54 25.98 2.59
C SER A 164 -5.62 25.18 3.52
N VAL A 165 -6.22 24.21 4.21
CA VAL A 165 -5.49 23.16 4.90
C VAL A 165 -5.62 21.88 4.10
N ARG A 166 -4.49 21.23 3.83
CA ARG A 166 -4.43 19.89 3.22
C ARG A 166 -3.93 18.90 4.24
N LEU A 167 -4.63 17.79 4.39
CA LEU A 167 -4.30 16.80 5.42
C LEU A 167 -4.36 15.38 4.81
N VAL A 168 -3.26 14.64 4.89
CA VAL A 168 -3.17 13.31 4.27
C VAL A 168 -3.63 12.26 5.27
N ILE A 169 -4.53 11.39 4.84
CA ILE A 169 -4.93 10.24 5.63
C ILE A 169 -4.75 8.98 4.78
N ARG A 170 -4.92 7.83 5.42
CA ARG A 170 -4.62 6.57 4.79
C ARG A 170 -5.76 5.58 4.99
N LYS A 171 -6.05 4.83 3.94
CA LYS A 171 -6.92 3.67 4.02
C LYS A 171 -5.99 2.48 4.11
N VAL A 172 -6.10 1.71 5.19
CA VAL A 172 -5.21 0.58 5.42
C VAL A 172 -6.02 -0.69 5.66
N GLN A 173 -5.36 -1.82 5.49
CA GLN A 173 -5.91 -3.14 5.76
C GLN A 173 -4.97 -3.86 6.72
N PHE A 174 -5.51 -4.85 7.39
CA PHE A 174 -4.73 -5.64 8.32
C PHE A 174 -4.97 -7.12 8.05
N ALA A 175 -4.06 -7.92 8.57
CA ALA A 175 -4.07 -9.35 8.30
C ALA A 175 -5.39 -9.98 8.74
N PRO A 176 -6.03 -10.80 7.90
CA PRO A 176 -7.23 -11.53 8.34
C PRO A 176 -6.92 -12.42 9.53
N GLU A 177 -7.97 -12.72 10.30
CA GLU A 177 -7.77 -13.58 11.46
C GLU A 177 -7.66 -15.05 11.05
N LYS A 178 -8.42 -15.49 10.04
CA LYS A 178 -8.38 -16.90 9.65
C LYS A 178 -7.09 -17.22 8.91
N PRO A 179 -6.26 -18.14 9.41
CA PRO A 179 -5.07 -18.54 8.66
C PRO A 179 -5.46 -19.18 7.34
N GLY A 180 -4.77 -18.79 6.28
CA GLY A 180 -4.99 -19.41 4.99
C GLY A 180 -4.20 -20.69 4.85
N PRO A 181 -4.32 -21.32 3.69
CA PRO A 181 -3.66 -22.61 3.48
C PRO A 181 -2.16 -22.46 3.28
N GLN A 182 -1.43 -23.49 3.73
CA GLN A 182 0.01 -23.51 3.64
C GLN A 182 0.51 -23.41 2.20
N PRO A 183 1.40 -22.46 1.87
CA PRO A 183 1.96 -22.40 0.51
C PRO A 183 2.87 -23.59 0.26
N SER A 184 2.70 -24.20 -0.91
CA SER A 184 3.39 -25.43 -1.27
C SER A 184 3.36 -25.55 -2.78
N ALA A 185 4.52 -25.80 -3.40
CA ALA A 185 4.62 -25.94 -4.85
C ALA A 185 5.69 -26.97 -5.20
N GLU A 186 5.64 -27.44 -6.44
CA GLU A 186 6.62 -28.40 -6.92
C GLU A 186 6.73 -28.30 -8.44
N THR A 187 7.91 -28.66 -8.95
CA THR A 187 8.18 -28.64 -10.37
C THR A 187 9.10 -29.80 -10.67
N THR A 188 8.73 -30.61 -11.66
CA THR A 188 9.53 -31.73 -12.09
C THR A 188 10.03 -31.50 -13.50
N ARG A 189 11.35 -31.52 -13.66
CA ARG A 189 12.00 -31.59 -14.96
C ARG A 189 12.22 -33.06 -15.36
N HIS A 190 11.43 -33.55 -16.30
CA HIS A 190 11.66 -34.88 -16.88
C HIS A 190 12.71 -34.77 -17.98
N PHE A 191 13.49 -35.82 -18.16
CA PHE A 191 14.59 -35.81 -19.12
C PHE A 191 14.36 -36.82 -20.23
N LEU A 192 13.62 -36.41 -21.25
CA LEU A 192 13.70 -37.03 -22.57
C LEU A 192 13.20 -38.48 -22.55
N MET A 193 14.04 -39.40 -23.03
CA MET A 193 13.66 -40.80 -23.11
C MET A 193 13.88 -41.52 -21.80
N SER A 194 15.04 -41.32 -21.17
CA SER A 194 15.33 -41.97 -19.90
C SER A 194 14.31 -41.61 -18.83
N ASP A 195 14.10 -42.53 -17.90
CA ASP A 195 13.21 -42.27 -16.77
C ASP A 195 13.79 -41.25 -15.75
N ARG A 196 14.90 -40.58 -16.05
CA ARG A 196 15.50 -39.62 -15.13
C ARG A 196 14.57 -38.43 -14.88
N SER A 197 14.83 -37.73 -13.77
CA SER A 197 14.07 -36.52 -13.44
C SER A 197 14.79 -35.70 -12.37
N LEU A 198 14.49 -34.41 -12.37
CA LEU A 198 15.03 -33.47 -11.38
C LEU A 198 13.84 -32.83 -10.71
N HIS A 199 13.61 -33.18 -9.45
CA HIS A 199 12.40 -32.80 -8.74
C HIS A 199 12.67 -31.67 -7.73
N LEU A 200 11.82 -30.64 -7.74
CA LEU A 200 11.92 -29.56 -6.76
C LEU A 200 10.60 -29.40 -6.02
N GLU A 201 10.65 -29.51 -4.69
CA GLU A 201 9.52 -29.20 -3.81
C GLU A 201 9.89 -28.03 -2.91
N ALA A 202 8.93 -27.16 -2.64
CA ALA A 202 9.18 -26.11 -1.66
C ALA A 202 7.88 -25.71 -1.00
N SER A 203 7.99 -25.15 0.21
CA SER A 203 6.85 -24.74 1.00
C SER A 203 7.28 -23.69 2.03
N LEU A 204 6.28 -22.95 2.51
CA LEU A 204 6.41 -22.05 3.63
C LEU A 204 5.60 -22.61 4.79
N ASP A 205 6.00 -22.26 6.02
CA ASP A 205 5.23 -22.75 7.17
C ASP A 205 3.80 -22.23 7.17
N LYS A 206 3.57 -21.03 6.63
CA LYS A 206 2.26 -20.40 6.67
C LYS A 206 2.07 -19.48 5.48
N GLU A 207 0.81 -19.09 5.25
CA GLU A 207 0.53 -18.17 4.15
C GLU A 207 0.84 -16.72 4.53
N LEU A 208 0.63 -16.32 5.78
CA LEU A 208 0.67 -14.92 6.17
C LEU A 208 1.91 -14.63 7.01
N TYR A 209 2.66 -13.62 6.60
CA TYR A 209 3.80 -13.12 7.36
C TYR A 209 3.62 -11.65 7.67
N TYR A 210 4.25 -11.21 8.77
CA TYR A 210 4.20 -9.82 9.19
C TYR A 210 5.43 -9.09 8.65
N HIS A 211 5.30 -7.78 8.42
CA HIS A 211 6.46 -7.01 7.99
C HIS A 211 7.59 -7.18 9.00
N GLY A 212 8.77 -7.53 8.51
CA GLY A 212 9.90 -7.75 9.38
C GLY A 212 10.00 -9.15 9.92
N GLU A 213 9.05 -10.02 9.63
CA GLU A 213 9.13 -11.40 10.13
C GLU A 213 9.83 -12.27 9.10
N PRO A 214 10.77 -13.10 9.51
CA PRO A 214 11.48 -13.93 8.53
C PRO A 214 10.61 -15.05 7.98
N LEU A 215 10.73 -15.26 6.68
CA LEU A 215 10.09 -16.41 6.04
C LEU A 215 11.06 -17.57 6.06
N ASN A 216 10.55 -18.76 6.39
CA ASN A 216 11.32 -19.99 6.32
C ASN A 216 10.87 -20.80 5.13
N VAL A 217 11.77 -21.01 4.17
CA VAL A 217 11.44 -21.67 2.91
C VAL A 217 12.02 -23.08 2.96
N ASN A 218 11.12 -24.07 3.00
CA ASN A 218 11.52 -25.48 3.00
C ASN A 218 11.84 -25.92 1.58
N VAL A 219 13.07 -26.35 1.33
CA VAL A 219 13.50 -26.74 -0.01
C VAL A 219 13.96 -28.19 0.01
N HIS A 220 13.42 -28.99 -0.89
CA HIS A 220 13.81 -30.39 -1.03
C HIS A 220 14.07 -30.66 -2.50
N VAL A 221 15.26 -31.19 -2.83
CA VAL A 221 15.62 -31.48 -4.22
C VAL A 221 15.91 -32.96 -4.36
N THR A 222 15.26 -33.61 -5.32
CA THR A 222 15.55 -35.01 -5.66
C THR A 222 16.15 -35.01 -7.06
N ASN A 223 17.47 -35.19 -7.13
CA ASN A 223 18.19 -35.15 -8.40
C ASN A 223 18.42 -36.59 -8.87
N ASN A 224 17.40 -37.16 -9.49
CA ASN A 224 17.48 -38.47 -10.14
C ASN A 224 17.82 -38.31 -11.62
N SER A 225 18.81 -37.47 -11.92
CA SER A 225 19.20 -37.11 -13.28
C SER A 225 20.71 -37.09 -13.36
N THR A 226 21.25 -36.80 -14.54
CA THR A 226 22.70 -36.68 -14.72
C THR A 226 23.20 -35.25 -14.62
N LYS A 227 22.32 -34.28 -14.43
CA LYS A 227 22.73 -32.89 -14.35
C LYS A 227 23.08 -32.49 -12.90
N THR A 228 23.85 -31.42 -12.78
CA THR A 228 24.31 -30.95 -11.47
C THR A 228 23.72 -29.58 -11.20
N VAL A 229 22.91 -29.49 -10.15
CA VAL A 229 22.53 -28.19 -9.60
C VAL A 229 23.79 -27.55 -9.04
N LYS A 230 24.14 -26.38 -9.56
CA LYS A 230 25.38 -25.75 -9.10
C LYS A 230 25.19 -24.55 -8.18
N LYS A 231 24.02 -23.91 -8.22
CA LYS A 231 23.66 -22.83 -7.31
C LYS A 231 22.20 -22.99 -6.94
N ILE A 232 21.83 -22.45 -5.78
CA ILE A 232 20.43 -22.38 -5.38
C ILE A 232 20.10 -20.95 -5.02
N LYS A 233 19.00 -20.43 -5.58
CA LYS A 233 18.59 -19.03 -5.41
C LYS A 233 17.19 -18.97 -4.85
N VAL A 234 17.05 -18.26 -3.73
CA VAL A 234 15.76 -18.04 -3.09
C VAL A 234 15.52 -16.53 -3.02
N SER A 235 14.33 -16.11 -3.44
CA SER A 235 14.07 -14.68 -3.47
C SER A 235 12.62 -14.39 -3.12
N VAL A 236 12.37 -13.19 -2.61
CA VAL A 236 11.02 -12.66 -2.48
C VAL A 236 10.85 -11.56 -3.51
N ARG A 237 9.78 -11.62 -4.29
CA ARG A 237 9.49 -10.62 -5.31
C ARG A 237 8.18 -9.91 -5.00
N GLN A 238 8.20 -8.57 -5.09
CA GLN A 238 6.97 -7.80 -5.09
C GLN A 238 6.36 -7.77 -6.49
N TYR A 239 5.03 -7.94 -6.55
CA TYR A 239 4.26 -7.79 -7.79
C TYR A 239 3.27 -6.64 -7.65
N ALA A 240 3.43 -5.60 -8.46
CA ALA A 240 2.55 -4.45 -8.44
C ALA A 240 1.71 -4.47 -9.70
N ASP A 241 0.40 -4.68 -9.57
CA ASP A 241 -0.50 -4.52 -10.71
C ASP A 241 -0.94 -3.06 -10.73
N ILE A 242 -0.52 -2.33 -11.78
CA ILE A 242 -0.88 -0.94 -12.02
C ILE A 242 -2.02 -0.95 -13.03
N CYS A 243 -3.24 -0.64 -12.57
CA CYS A 243 -4.42 -0.73 -13.44
C CYS A 243 -4.81 0.69 -13.87
N LEU A 244 -4.42 1.07 -15.09
CA LEU A 244 -4.89 2.34 -15.62
C LEU A 244 -5.96 2.06 -16.68
N PHE A 245 -5.63 2.29 -17.94
CA PHE A 245 -6.48 1.86 -19.05
C PHE A 245 -6.24 0.38 -19.33
N SER A 246 -4.97 0.00 -19.42
CA SER A 246 -4.56 -1.39 -19.42
C SER A 246 -3.79 -1.64 -18.12
N THR A 247 -3.94 -2.83 -17.57
CA THR A 247 -3.25 -3.21 -16.36
C THR A 247 -1.86 -3.75 -16.71
N ALA A 248 -0.82 -3.06 -16.23
CA ALA A 248 0.56 -3.51 -16.34
C ALA A 248 0.99 -4.10 -15.01
N GLN A 249 1.71 -5.22 -15.05
CA GLN A 249 2.22 -5.84 -13.84
C GLN A 249 3.72 -5.64 -13.78
N TYR A 250 4.19 -5.00 -12.71
CA TYR A 250 5.61 -4.78 -12.49
C TYR A 250 6.11 -5.66 -11.36
N LYS A 251 7.28 -6.24 -11.55
CA LYS A 251 7.86 -7.15 -10.56
C LYS A 251 9.19 -6.57 -10.11
N CYS A 252 9.45 -6.69 -8.83
CA CYS A 252 10.70 -6.20 -8.31
C CYS A 252 11.15 -7.12 -7.18
N PRO A 253 12.32 -7.75 -7.28
CA PRO A 253 12.82 -8.54 -6.14
C PRO A 253 13.18 -7.61 -5.00
N VAL A 254 12.96 -8.08 -3.78
CA VAL A 254 13.15 -7.27 -2.58
C VAL A 254 13.90 -8.06 -1.50
N ALA A 255 14.28 -9.30 -1.82
CA ALA A 255 15.18 -10.07 -0.97
C ALA A 255 15.74 -11.23 -1.79
N GLN A 256 17.02 -11.52 -1.62
CA GLN A 256 17.64 -12.63 -2.35
C GLN A 256 18.73 -13.29 -1.50
N VAL A 257 18.64 -14.62 -1.39
CA VAL A 257 19.72 -15.46 -0.91
C VAL A 257 20.21 -16.28 -2.09
N GLU A 258 21.49 -16.21 -2.40
CA GLU A 258 22.08 -16.95 -3.51
C GLU A 258 23.31 -17.67 -2.99
N GLN A 259 23.27 -18.99 -2.94
CA GLN A 259 24.38 -19.78 -2.42
C GLN A 259 24.84 -20.80 -3.45
N ASP A 260 26.15 -21.06 -3.44
CA ASP A 260 26.74 -22.08 -4.28
C ASP A 260 26.47 -23.48 -3.76
N ASP A 261 25.26 -23.73 -3.27
CA ASP A 261 24.87 -25.06 -2.83
C ASP A 261 24.69 -25.99 -4.03
N GLN A 262 25.32 -27.16 -4.00
CA GLN A 262 25.29 -28.08 -5.12
C GLN A 262 24.47 -29.32 -4.79
N VAL A 263 23.81 -29.87 -5.82
CA VAL A 263 23.03 -31.10 -5.68
C VAL A 263 23.48 -32.01 -6.81
N SER A 264 24.31 -33.01 -6.49
CA SER A 264 24.96 -33.90 -7.45
C SER A 264 23.94 -34.83 -8.07
N PRO A 265 24.28 -35.48 -9.18
CA PRO A 265 23.38 -36.51 -9.73
C PRO A 265 23.18 -37.65 -8.75
N SER A 266 21.99 -38.24 -8.80
CA SER A 266 21.63 -39.34 -7.89
C SER A 266 21.84 -38.94 -6.44
N SER A 267 21.29 -37.78 -6.08
CA SER A 267 21.39 -37.29 -4.72
C SER A 267 20.15 -36.49 -4.37
N THR A 268 19.83 -36.44 -3.07
CA THR A 268 18.78 -35.59 -2.55
C THR A 268 19.40 -34.52 -1.67
N PHE A 269 18.61 -33.48 -1.42
CA PHE A 269 19.10 -32.29 -0.75
C PHE A 269 17.91 -31.65 -0.06
N CYS A 270 18.12 -31.23 1.18
CA CYS A 270 17.02 -30.74 2.00
C CYS A 270 17.52 -29.64 2.93
N LYS A 271 17.01 -28.42 2.77
CA LYS A 271 17.42 -27.33 3.64
C LYS A 271 16.31 -26.31 3.76
N VAL A 272 16.31 -25.60 4.90
CA VAL A 272 15.46 -24.43 5.09
C VAL A 272 16.30 -23.20 4.79
N TYR A 273 15.74 -22.30 3.99
CA TYR A 273 16.35 -21.02 3.68
C TYR A 273 15.51 -19.93 4.32
N THR A 274 16.13 -19.09 5.12
CA THR A 274 15.42 -18.03 5.82
C THR A 274 15.73 -16.71 5.14
N ILE A 275 14.72 -15.91 4.92
CA ILE A 275 14.84 -14.72 4.08
C ILE A 275 13.85 -13.68 4.58
N THR A 276 14.26 -12.41 4.62
CA THR A 276 13.36 -11.37 5.13
C THR A 276 13.29 -10.19 4.16
N PRO A 277 12.11 -9.88 3.60
CA PRO A 277 11.96 -8.69 2.74
C PRO A 277 11.84 -7.45 3.61
N LEU A 278 12.76 -6.51 3.40
CA LEU A 278 12.79 -5.27 4.16
C LEU A 278 12.94 -4.11 3.20
N LEU A 279 12.14 -3.06 3.42
CA LEU A 279 12.33 -1.84 2.63
C LEU A 279 13.76 -1.32 2.75
N SER A 280 14.35 -1.44 3.95
CA SER A 280 15.66 -0.86 4.15
C SER A 280 16.74 -1.48 3.26
N ASN A 281 16.51 -2.64 2.65
CA ASN A 281 17.46 -3.15 1.67
C ASN A 281 17.06 -2.80 0.26
N ASN A 282 16.08 -1.91 0.08
CA ASN A 282 15.55 -1.62 -1.25
C ASN A 282 15.25 -0.14 -1.45
N ARG A 283 15.91 0.75 -0.72
CA ARG A 283 15.64 2.18 -0.85
C ARG A 283 16.08 2.78 -2.18
N GLU A 284 16.68 1.97 -3.05
CA GLU A 284 17.23 2.42 -4.32
C GLU A 284 16.35 2.03 -5.49
N LYS A 285 15.31 1.24 -5.25
CA LYS A 285 14.49 0.69 -6.32
C LYS A 285 13.35 1.66 -6.62
N ARG A 286 13.46 2.35 -7.75
CA ARG A 286 12.44 3.32 -8.15
C ARG A 286 11.15 2.60 -8.47
N GLY A 287 10.03 3.14 -7.98
CA GLY A 287 8.72 2.62 -8.30
C GLY A 287 8.26 1.48 -7.44
N LEU A 288 9.07 1.06 -6.45
CA LEU A 288 8.64 0.02 -5.52
C LEU A 288 7.38 0.46 -4.75
N ALA A 289 6.42 -0.46 -4.62
CA ALA A 289 5.18 -0.14 -3.91
C ALA A 289 5.42 -0.11 -2.41
N LEU A 290 5.11 1.04 -1.79
CA LEU A 290 5.25 1.24 -0.36
C LEU A 290 3.89 1.50 0.26
N ASP A 291 3.69 1.03 1.48
CA ASP A 291 2.54 1.50 2.24
C ASP A 291 2.64 3.02 2.29
N GLY A 292 1.49 3.68 2.15
CA GLY A 292 1.43 5.13 2.00
C GLY A 292 2.35 5.97 2.87
N LYS A 293 3.05 6.92 2.25
CA LYS A 293 3.99 7.82 2.91
C LYS A 293 3.25 8.77 3.85
N LEU A 294 3.52 8.67 5.14
CA LEU A 294 2.98 9.65 6.07
C LEU A 294 4.05 10.69 6.40
N LYS A 295 3.57 11.86 6.85
CA LYS A 295 4.32 13.08 7.18
C LYS A 295 5.83 12.92 7.30
N HIS A 296 6.31 12.81 8.53
CA HIS A 296 7.73 12.65 8.82
C HIS A 296 8.01 11.29 9.47
N GLU A 297 7.35 10.25 8.95
CA GLU A 297 7.48 8.90 9.45
C GLU A 297 8.13 8.01 8.40
N ASP A 298 8.51 6.82 8.84
CA ASP A 298 9.08 5.82 7.95
C ASP A 298 8.00 4.82 7.58
N THR A 299 8.14 4.25 6.40
CA THR A 299 7.14 3.35 5.87
C THR A 299 7.76 1.97 5.70
N ASN A 300 7.05 1.06 5.03
CA ASN A 300 7.48 -0.30 4.77
C ASN A 300 7.07 -0.69 3.35
N LEU A 301 7.60 -1.82 2.87
CA LEU A 301 7.07 -2.41 1.65
C LEU A 301 5.56 -2.50 1.75
N ALA A 302 4.88 -2.16 0.65
CA ALA A 302 3.43 -2.14 0.65
C ALA A 302 2.84 -3.47 1.11
N SER A 303 1.79 -3.39 1.93
CA SER A 303 1.09 -4.60 2.36
C SER A 303 0.41 -5.29 1.17
N SER A 304 0.31 -6.61 1.25
CA SER A 304 -0.50 -7.34 0.28
C SER A 304 -1.91 -6.77 0.24
N THR A 305 -2.42 -6.55 -0.96
CA THR A 305 -3.80 -6.15 -1.17
C THR A 305 -4.73 -7.32 -0.90
N ILE A 306 -5.78 -7.10 -0.12
CA ILE A 306 -6.87 -8.07 0.02
C ILE A 306 -7.99 -7.65 -0.91
N VAL A 307 -8.14 -8.37 -2.02
CA VAL A 307 -9.20 -8.14 -2.98
C VAL A 307 -10.60 -8.38 -2.41
N LYS A 313 -10.18 -6.74 -7.66
CA LYS A 313 -10.65 -6.71 -9.04
C LYS A 313 -9.87 -5.63 -9.78
N GLU A 314 -9.79 -5.75 -11.10
CA GLU A 314 -8.98 -4.85 -11.92
C GLU A 314 -9.62 -3.47 -12.14
N VAL A 315 -10.30 -2.91 -11.14
CA VAL A 315 -10.69 -1.50 -11.17
C VAL A 315 -9.41 -0.68 -11.21
N LEU A 316 -9.54 0.63 -11.40
CA LEU A 316 -8.39 1.52 -11.33
C LEU A 316 -7.74 1.42 -9.95
N GLY A 317 -6.42 1.36 -9.91
CA GLY A 317 -5.70 1.33 -8.64
C GLY A 317 -4.41 0.53 -8.74
N ILE A 318 -3.90 0.17 -7.56
CA ILE A 318 -2.66 -0.58 -7.45
C ILE A 318 -2.92 -1.76 -6.53
N LEU A 319 -2.67 -2.97 -7.04
CA LEU A 319 -2.79 -4.21 -6.28
C LEU A 319 -1.39 -4.75 -6.04
N VAL A 320 -1.07 -5.05 -4.79
CA VAL A 320 0.25 -5.55 -4.42
C VAL A 320 0.15 -6.99 -3.95
N SER A 321 1.15 -7.80 -4.32
CA SER A 321 1.20 -9.20 -3.91
C SER A 321 2.66 -9.62 -3.91
N TYR A 322 2.93 -10.79 -3.31
CA TYR A 322 4.28 -11.24 -3.02
C TYR A 322 4.42 -12.74 -3.30
N ARG A 323 5.62 -13.12 -3.76
CA ARG A 323 5.90 -14.54 -3.94
C ARG A 323 7.35 -14.81 -3.55
N VAL A 324 7.57 -16.00 -3.00
CA VAL A 324 8.89 -16.58 -2.91
C VAL A 324 9.17 -17.33 -4.21
N LYS A 325 10.37 -17.14 -4.75
CA LYS A 325 10.85 -17.96 -5.86
C LYS A 325 12.03 -18.77 -5.37
N VAL A 326 12.02 -20.07 -5.67
CA VAL A 326 13.15 -20.97 -5.43
C VAL A 326 13.60 -21.48 -6.79
N LYS A 327 14.87 -21.26 -7.12
CA LYS A 327 15.42 -21.65 -8.41
C LYS A 327 16.65 -22.52 -8.22
N LEU A 328 16.67 -23.68 -8.89
CA LEU A 328 17.84 -24.54 -8.98
C LEU A 328 18.60 -24.21 -10.27
N VAL A 329 19.80 -23.65 -10.13
CA VAL A 329 20.62 -23.24 -11.28
C VAL A 329 21.39 -24.45 -11.79
N VAL A 330 21.05 -24.90 -12.99
CA VAL A 330 21.72 -25.99 -13.68
C VAL A 330 22.49 -25.43 -14.88
N SER A 331 23.60 -26.08 -15.22
CA SER A 331 24.42 -25.59 -16.33
C SER A 331 23.70 -25.70 -17.68
N ARG A 332 24.00 -24.74 -18.57
CA ARG A 332 23.34 -24.53 -19.86
C ARG A 332 21.84 -24.24 -19.65
N GLY A 333 20.96 -25.13 -20.12
CA GLY A 333 19.56 -25.06 -19.76
C GLY A 333 19.33 -25.75 -18.43
N GLY A 334 18.16 -26.32 -18.25
CA GLY A 334 17.96 -27.23 -17.15
C GLY A 334 17.52 -26.63 -15.83
N ASP A 335 17.52 -25.30 -15.70
CA ASP A 335 17.07 -24.67 -14.46
C ASP A 335 15.64 -25.11 -14.12
N VAL A 336 15.36 -25.15 -12.81
CA VAL A 336 14.09 -25.62 -12.27
C VAL A 336 13.65 -24.62 -11.20
N SER A 337 12.34 -24.42 -11.10
CA SER A 337 11.81 -23.33 -10.29
C SER A 337 10.42 -23.67 -9.82
N VAL A 338 10.08 -23.11 -8.66
CA VAL A 338 8.71 -23.03 -8.20
C VAL A 338 8.51 -21.62 -7.67
N GLU A 339 7.26 -21.22 -7.58
CA GLU A 339 6.91 -19.98 -6.90
C GLU A 339 5.94 -20.27 -5.77
N LEU A 340 6.03 -19.48 -4.70
CA LEU A 340 5.17 -19.65 -3.52
C LEU A 340 4.50 -18.32 -3.22
N PRO A 341 3.23 -18.16 -3.56
CA PRO A 341 2.48 -16.99 -3.09
C PRO A 341 2.37 -16.97 -1.57
N PHE A 342 2.54 -15.78 -1.00
CA PHE A 342 2.22 -15.57 0.40
C PHE A 342 1.64 -14.17 0.54
N VAL A 343 1.17 -13.87 1.74
CA VAL A 343 0.60 -12.57 2.09
C VAL A 343 1.52 -11.87 3.09
N LEU A 344 1.65 -10.55 2.95
CA LEU A 344 2.53 -9.76 3.81
C LEU A 344 1.76 -8.56 4.38
N MET A 345 1.56 -8.54 5.70
CA MET A 345 0.63 -7.59 6.29
C MET A 345 1.01 -7.26 7.72
N HIS A 346 0.54 -6.10 8.17
CA HIS A 346 0.61 -5.79 9.58
C HIS A 346 -0.46 -6.58 10.34
N PRO A 347 -0.17 -6.95 11.57
CA PRO A 347 -1.21 -7.49 12.43
C PRO A 347 -2.18 -6.39 12.83
N LYS A 348 -3.45 -6.75 12.98
CA LYS A 348 -4.42 -5.84 13.56
C LYS A 348 -4.00 -5.51 14.99
N PRO A 349 -3.93 -4.22 15.38
CA PRO A 349 -3.51 -3.74 16.70
C PRO A 349 -4.25 -4.37 17.89
#